data_5CZW
#
_entry.id   5CZW
#
_cell.length_a   51.159
_cell.length_b   35.134
_cell.length_c   64.258
_cell.angle_alpha   90.00
_cell.angle_beta   110.12
_cell.angle_gamma   90.00
#
_symmetry.space_group_name_H-M   'P 1 21 1'
#
loop_
_entity.id
_entity.type
_entity.pdbx_description
1 polymer Myroilysin
2 non-polymer 'ZINC ION'
3 water water
#
_entity_poly.entity_id   1
_entity_poly.type   'polypeptide(L)'
_entity_poly.pdbx_seq_one_letter_code
;GLKELRAVPKADIVSGFEGA(MLY)VCKDVYPKGTDPRGAVVRST(MLY)WPNGSVITVGLYGGTPYVRSKV(MLY)QYA
QEWSNYANITFNFVESGTPQIRVTFTQGAGSYSYLGTQALSIPSNEETMNFGWFDDSTSDTEFSRTVIHEFGHALGMIHE
HQHPLTNIPWDKNKVYAYYAGYPNYWS(MLY)KDVDNNLFATYSTTQTQYSAYDTQSIMHYSISSALTTNGFSVGNNSVL
SATD(MLY)QFIATVYPR
;
_entity_poly.pdbx_strand_id   A
#
loop_
_chem_comp.id
_chem_comp.type
_chem_comp.name
_chem_comp.formula
ZN non-polymer 'ZINC ION' 'Zn 2'
#
# COMPACT_ATOMS: atom_id res chain seq x y z
N GLY A 1 -22.32 -7.62 11.21
CA GLY A 1 -20.90 -7.41 10.71
C GLY A 1 -20.32 -6.14 11.30
N LEU A 2 -19.31 -5.59 10.65
CA LEU A 2 -18.69 -4.35 11.07
C LEU A 2 -19.59 -3.14 10.77
N LYS A 3 -19.56 -2.17 11.63
CA LYS A 3 -20.17 -0.88 11.41
C LYS A 3 -19.58 -0.25 10.16
N GLU A 4 -20.40 0.25 9.24
CA GLU A 4 -19.92 0.83 7.96
C GLU A 4 -19.06 2.09 8.23
N LEU A 5 -18.10 2.32 7.34
CA LEU A 5 -17.20 3.44 7.38
C LEU A 5 -17.90 4.60 6.67
N ARG A 6 -17.42 5.80 6.89
CA ARG A 6 -18.03 6.92 6.17
C ARG A 6 -17.79 6.73 4.68
N ALA A 7 -18.77 7.18 3.89
CA ALA A 7 -18.72 6.95 2.45
C ALA A 7 -17.60 7.69 1.70
N VAL A 8 -16.98 7.04 0.73
CA VAL A 8 -16.05 7.72 -0.18
C VAL A 8 -16.90 8.46 -1.22
N PRO A 9 -16.59 9.75 -1.45
CA PRO A 9 -17.23 10.44 -2.56
C PRO A 9 -16.66 9.93 -3.88
N LYS A 10 -17.40 9.10 -4.58
CA LYS A 10 -16.89 8.52 -5.82
C LYS A 10 -16.65 9.50 -6.98
N ALA A 11 -17.15 10.72 -6.83
CA ALA A 11 -16.76 11.81 -7.72
C ALA A 11 -15.33 12.31 -7.49
N ASP A 12 -14.74 12.09 -6.31
CA ASP A 12 -13.40 12.59 -6.07
C ASP A 12 -12.41 11.57 -6.58
N ILE A 13 -12.87 10.40 -7.01
CA ILE A 13 -11.99 9.37 -7.63
C ILE A 13 -11.76 9.67 -9.09
N VAL A 14 -10.51 9.95 -9.42
CA VAL A 14 -10.15 10.48 -10.74
C VAL A 14 -10.31 9.41 -11.83
N SER A 15 -11.04 9.72 -12.91
CA SER A 15 -11.28 8.72 -13.96
C SER A 15 -10.18 8.74 -15.00
N GLY A 16 -10.15 7.70 -15.80
CA GLY A 16 -9.27 7.64 -16.99
C GLY A 16 -7.86 7.16 -16.76
N PHE A 17 -7.66 6.45 -15.66
CA PHE A 17 -6.35 5.90 -15.39
C PHE A 17 -6.59 4.41 -15.26
N GLU A 18 -7.23 3.86 -16.30
CA GLU A 18 -7.60 2.46 -16.35
C GLU A 18 -6.32 1.65 -16.36
N GLY A 19 -6.27 0.64 -15.50
CA GLY A 19 -5.08 -0.18 -15.34
C GLY A 19 -3.86 0.51 -14.74
N ALA A 20 -4.05 1.69 -14.10
CA ALA A 20 -2.96 2.31 -13.31
C ALA A 20 -2.87 1.66 -11.94
N MLY A 21 -1.83 0.89 -11.71
CA MLY A 21 -1.78 0.11 -10.46
CB MLY A 21 -1.34 -1.33 -10.70
CG MLY A 21 -2.47 -2.05 -11.48
CD MLY A 21 -2.10 -3.47 -11.94
CE MLY A 21 -3.40 -4.12 -12.48
NZ MLY A 21 -3.38 -4.65 -13.86
CH1 MLY A 21 -2.54 -5.86 -13.94
CH2 MLY A 21 -4.78 -5.00 -14.24
C MLY A 21 -0.80 0.82 -9.58
O MLY A 21 0.37 0.43 -9.47
N VAL A 22 -1.24 1.93 -8.95
CA VAL A 22 -0.33 2.81 -8.18
C VAL A 22 -0.54 2.66 -6.64
N CYS A 23 0.60 2.40 -5.98
CA CYS A 23 0.64 2.44 -4.53
C CYS A 23 0.84 3.92 -4.18
N LYS A 24 -0.11 4.43 -3.42
CA LYS A 24 -0.05 5.78 -2.94
C LYS A 24 0.50 5.86 -1.54
N ASP A 25 1.52 6.63 -1.25
CA ASP A 25 1.82 7.04 0.12
C ASP A 25 0.65 7.86 0.67
N VAL A 26 0.29 7.57 1.90
CA VAL A 26 -0.74 8.29 2.57
C VAL A 26 -0.30 8.69 3.97
N TYR A 27 -0.72 9.84 4.41
CA TYR A 27 -0.36 10.37 5.70
C TYR A 27 -1.55 10.76 6.57
N PRO A 28 -1.44 10.39 7.93
CA PRO A 28 -2.59 10.75 8.80
C PRO A 28 -2.80 12.28 8.79
N LYS A 29 -4.04 12.75 8.85
CA LYS A 29 -4.20 14.22 8.94
C LYS A 29 -3.42 14.83 10.17
N GLY A 30 -2.31 15.52 9.90
CA GLY A 30 -1.61 16.31 10.93
C GLY A 30 -0.27 16.81 10.42
N SER A 40 8.14 6.44 15.76
CA SER A 40 8.07 4.99 15.59
C SER A 40 6.72 4.54 15.11
N THR A 41 6.80 3.59 14.22
CA THR A 41 5.65 2.97 13.66
C THR A 41 5.69 1.47 13.90
N MLY A 42 6.67 0.98 14.62
CA MLY A 42 6.75 -0.45 14.90
CB MLY A 42 8.17 -0.70 15.43
CG MLY A 42 8.43 -2.11 15.88
CD MLY A 42 9.83 -2.28 16.45
CE MLY A 42 10.10 -3.69 17.04
NZ MLY A 42 11.43 -3.75 17.73
CH1 MLY A 42 12.60 -3.29 16.90
CH2 MLY A 42 11.51 -2.87 18.89
C MLY A 42 5.68 -0.91 15.90
O MLY A 42 5.47 -0.30 16.91
N TRP A 43 4.99 -2.00 15.58
CA TRP A 43 4.03 -2.64 16.48
C TRP A 43 4.75 -3.28 17.64
N PRO A 44 4.07 -3.30 18.76
CA PRO A 44 4.64 -4.11 19.84
C PRO A 44 4.92 -5.53 19.41
N ASN A 45 6.10 -6.01 19.75
CA ASN A 45 6.48 -7.31 19.24
C ASN A 45 5.53 -8.40 19.81
N GLY A 46 5.22 -9.39 18.96
CA GLY A 46 4.21 -10.40 19.34
C GLY A 46 2.76 -9.98 19.15
N SER A 47 2.53 -8.77 18.63
CA SER A 47 1.17 -8.25 18.51
C SER A 47 0.33 -9.20 17.66
N VAL A 48 -0.94 -9.33 18.06
CA VAL A 48 -1.98 -9.80 17.21
C VAL A 48 -2.86 -8.62 16.86
N ILE A 49 -2.83 -8.23 15.59
CA ILE A 49 -3.49 -7.04 15.10
C ILE A 49 -4.81 -7.44 14.46
N THR A 50 -5.89 -6.82 14.94
CA THR A 50 -7.22 -7.04 14.36
C THR A 50 -7.35 -6.31 12.98
N VAL A 51 -7.91 -7.04 12.03
CA VAL A 51 -8.11 -6.55 10.64
C VAL A 51 -9.56 -6.68 10.29
N GLY A 52 -10.19 -5.65 9.72
CA GLY A 52 -11.49 -5.85 9.27
C GLY A 52 -11.52 -5.51 7.79
N LEU A 53 -12.33 -6.24 7.09
CA LEU A 53 -12.52 -6.06 5.62
C LEU A 53 -13.90 -5.46 5.37
N TYR A 54 -13.87 -4.40 4.59
CA TYR A 54 -15.09 -3.66 4.34
C TYR A 54 -15.43 -3.70 2.88
N GLY A 55 -16.52 -4.40 2.56
CA GLY A 55 -16.88 -4.61 1.14
C GLY A 55 -16.04 -5.69 0.49
N GLY A 56 -15.89 -5.61 -0.84
CA GLY A 56 -15.21 -6.67 -1.59
C GLY A 56 -16.06 -7.93 -1.66
N THR A 57 -15.70 -8.82 -2.55
CA THR A 57 -16.46 -10.04 -2.69
C THR A 57 -15.86 -11.06 -1.75
N PRO A 58 -16.56 -12.18 -1.51
CA PRO A 58 -15.92 -13.20 -0.64
C PRO A 58 -14.59 -13.68 -1.19
N TYR A 59 -14.49 -13.83 -2.50
CA TYR A 59 -13.26 -14.28 -3.11
C TYR A 59 -12.12 -13.35 -2.86
N VAL A 60 -12.36 -12.09 -3.19
CA VAL A 60 -11.34 -11.06 -2.94
C VAL A 60 -10.94 -11.04 -1.47
N ARG A 61 -11.90 -11.06 -0.53
CA ARG A 61 -11.61 -10.97 0.88
C ARG A 61 -10.77 -12.17 1.29
N SER A 62 -11.07 -13.35 0.71
CA SER A 62 -10.31 -14.58 1.08
C SER A 62 -8.87 -14.49 0.62
N LYS A 63 -8.64 -13.93 -0.56
CA LYS A 63 -7.25 -13.71 -1.07
C LYS A 63 -6.43 -12.74 -0.16
N VAL A 64 -7.09 -11.70 0.31
CA VAL A 64 -6.43 -10.73 1.15
C VAL A 64 -5.96 -11.45 2.39
N MLY A 65 -6.89 -12.20 3.05
CA MLY A 65 -6.52 -13.01 4.24
CB MLY A 65 -7.71 -13.78 4.91
CG MLY A 65 -7.22 -14.66 6.05
CD MLY A 65 -8.33 -14.97 7.09
CE MLY A 65 -8.92 -16.39 6.93
NZ MLY A 65 -10.42 -16.38 6.95
CH1 MLY A 65 -10.93 -17.76 6.69
CH2 MLY A 65 -11.06 -15.71 8.11
C MLY A 65 -5.37 -13.89 3.95
O MLY A 65 -4.38 -13.91 4.71
N GLN A 66 -5.47 -14.61 2.84
CA GLN A 66 -4.48 -15.63 2.42
C GLN A 66 -3.07 -15.04 2.34
N TYR A 67 -2.93 -13.94 1.68
CA TYR A 67 -1.56 -13.41 1.39
C TYR A 67 -1.04 -12.54 2.57
N ALA A 68 -1.93 -11.85 3.29
CA ALA A 68 -1.56 -10.99 4.44
C ALA A 68 -0.80 -11.86 5.43
N GLN A 69 -1.36 -13.07 5.66
CA GLN A 69 -0.87 -13.93 6.70
C GLN A 69 0.45 -14.56 6.33
N GLU A 70 0.91 -14.40 5.12
CA GLU A 70 2.24 -14.86 4.76
C GLU A 70 3.33 -14.17 5.62
N TRP A 71 3.17 -12.92 5.96
CA TRP A 71 4.15 -12.25 6.73
C TRP A 71 4.44 -12.92 8.10
N SER A 72 3.44 -13.60 8.63
CA SER A 72 3.61 -14.22 9.93
C SER A 72 4.52 -15.42 9.90
N ASN A 73 4.83 -15.91 8.71
CA ASN A 73 5.89 -16.94 8.61
C ASN A 73 7.28 -16.48 9.02
N TYR A 74 7.50 -15.18 9.07
CA TYR A 74 8.78 -14.60 9.25
C TYR A 74 8.78 -13.60 10.39
N ALA A 75 7.71 -12.82 10.54
CA ALA A 75 7.54 -11.88 11.62
C ALA A 75 6.74 -12.47 12.81
N ASN A 76 7.11 -12.06 14.00
CA ASN A 76 6.35 -12.41 15.19
C ASN A 76 5.20 -11.43 15.37
N ILE A 77 4.37 -11.34 14.33
CA ILE A 77 3.13 -10.51 14.30
C ILE A 77 2.12 -11.40 13.57
N THR A 78 0.88 -11.41 14.01
CA THR A 78 -0.24 -12.13 13.46
C THR A 78 -1.37 -11.11 13.18
N PHE A 79 -2.16 -11.43 12.18
CA PHE A 79 -3.34 -10.66 11.81
C PHE A 79 -4.57 -11.52 12.09
N ASN A 80 -5.43 -10.99 12.93
CA ASN A 80 -6.69 -11.62 13.30
C ASN A 80 -7.78 -10.94 12.54
N PHE A 81 -8.39 -11.63 11.56
CA PHE A 81 -9.46 -11.07 10.73
C PHE A 81 -10.80 -11.21 11.42
N VAL A 82 -11.40 -10.08 11.76
CA VAL A 82 -12.59 -10.01 12.58
C VAL A 82 -13.78 -9.28 11.88
N GLU A 83 -14.96 -9.46 12.45
CA GLU A 83 -16.16 -8.87 11.95
C GLU A 83 -16.94 -8.13 13.07
N SER A 84 -16.24 -7.81 14.15
CA SER A 84 -16.80 -7.05 15.27
C SER A 84 -15.88 -5.89 15.71
N GLY A 85 -16.44 -4.98 16.49
CA GLY A 85 -15.70 -3.86 17.12
C GLY A 85 -15.12 -2.91 16.07
N THR A 86 -13.99 -2.29 16.43
CA THR A 86 -13.29 -1.32 15.59
C THR A 86 -11.94 -1.97 15.38
N PRO A 87 -11.73 -2.63 14.24
CA PRO A 87 -10.51 -3.33 13.97
C PRO A 87 -9.38 -2.30 13.89
N GLN A 88 -8.18 -2.75 14.16
CA GLN A 88 -7.03 -1.86 14.15
C GLN A 88 -6.59 -1.46 12.75
N ILE A 89 -6.69 -2.45 11.84
CA ILE A 89 -6.47 -2.25 10.38
C ILE A 89 -7.82 -2.42 9.76
N ARG A 90 -8.18 -1.41 8.96
CA ARG A 90 -9.53 -1.34 8.32
C ARG A 90 -9.35 -1.19 6.80
N VAL A 91 -9.65 -2.28 6.11
CA VAL A 91 -9.34 -2.44 4.68
C VAL A 91 -10.61 -2.25 3.79
N THR A 92 -10.53 -1.28 2.91
CA THR A 92 -11.54 -1.13 1.85
C THR A 92 -11.07 -1.56 0.49
N PHE A 93 -12.04 -1.58 -0.44
CA PHE A 93 -11.85 -2.06 -1.80
C PHE A 93 -12.39 -1.04 -2.78
N THR A 94 -12.04 0.20 -2.53
CA THR A 94 -12.62 1.30 -3.34
C THR A 94 -11.86 1.32 -4.65
N GLN A 95 -12.63 1.13 -5.72
CA GLN A 95 -12.05 0.96 -7.06
C GLN A 95 -11.55 2.30 -7.57
N GLY A 96 -10.37 2.32 -8.15
CA GLY A 96 -9.83 3.54 -8.70
C GLY A 96 -9.13 4.53 -7.85
N ALA A 97 -9.14 4.29 -6.51
CA ALA A 97 -8.51 5.16 -5.49
C ALA A 97 -7.04 4.93 -5.27
N GLY A 98 -6.53 3.94 -6.02
CA GLY A 98 -5.20 3.42 -5.76
C GLY A 98 -5.17 2.45 -4.63
N SER A 99 -4.03 1.86 -4.36
CA SER A 99 -3.91 0.98 -3.19
C SER A 99 -2.92 1.64 -2.29
N TYR A 100 -3.09 1.43 -0.99
CA TYR A 100 -2.34 2.17 0.03
C TYR A 100 -2.55 1.60 1.38
N SER A 101 -1.66 1.98 2.30
CA SER A 101 -1.82 1.73 3.76
C SER A 101 -1.03 2.79 4.52
N TYR A 102 -1.59 3.22 5.64
CA TYR A 102 -0.79 3.94 6.59
C TYR A 102 0.33 3.07 7.07
N LEU A 103 1.38 3.70 7.57
CA LEU A 103 2.53 2.96 8.03
C LEU A 103 2.51 2.46 9.47
N GLY A 104 2.52 1.16 9.63
CA GLY A 104 2.67 0.62 10.97
C GLY A 104 1.56 1.09 11.92
N THR A 105 1.99 1.42 13.14
CA THR A 105 1.07 1.88 14.13
C THR A 105 0.40 3.23 13.80
N GLN A 106 0.72 3.85 12.66
CA GLN A 106 -0.04 5.04 12.24
C GLN A 106 -1.53 4.69 12.03
N ALA A 107 -1.83 3.45 11.73
CA ALA A 107 -3.20 2.99 11.61
C ALA A 107 -3.99 3.43 12.85
N LEU A 108 -3.31 3.36 14.00
CA LEU A 108 -4.01 3.60 15.27
C LEU A 108 -4.38 5.06 15.48
N SER A 109 -3.95 5.91 14.59
CA SER A 109 -4.14 7.35 14.57
C SER A 109 -5.29 7.73 13.64
N ILE A 110 -5.83 6.77 12.90
CA ILE A 110 -6.85 7.07 11.90
C ILE A 110 -8.23 6.99 12.59
N PRO A 111 -9.10 7.99 12.37
CA PRO A 111 -10.44 7.90 12.97
C PRO A 111 -11.16 6.64 12.62
N SER A 112 -12.01 6.21 13.51
CA SER A 112 -12.57 4.85 13.40
C SER A 112 -13.53 4.66 12.27
N ASN A 113 -14.06 5.77 11.74
CA ASN A 113 -14.93 5.73 10.59
C ASN A 113 -14.27 5.85 9.24
N GLU A 114 -12.96 5.69 9.16
CA GLU A 114 -12.19 5.83 7.94
C GLU A 114 -11.34 4.57 7.81
N GLU A 115 -10.93 4.31 6.60
CA GLU A 115 -10.08 3.15 6.38
C GLU A 115 -8.65 3.41 6.66
N THR A 116 -7.90 2.31 6.96
CA THR A 116 -6.47 2.43 7.15
C THR A 116 -5.66 1.82 5.94
N MET A 117 -6.37 1.09 5.09
CA MET A 117 -5.77 0.43 3.92
C MET A 117 -6.85 0.36 2.82
N ASN A 118 -6.43 0.42 1.54
CA ASN A 118 -7.38 0.26 0.41
C ASN A 118 -6.66 -0.57 -0.67
N PHE A 119 -7.46 -1.44 -1.30
CA PHE A 119 -7.04 -2.12 -2.51
C PHE A 119 -7.94 -1.59 -3.63
N GLY A 120 -7.29 -0.95 -4.57
CA GLY A 120 -8.02 -0.21 -5.59
C GLY A 120 -8.35 -0.91 -6.88
N TRP A 121 -7.86 -2.12 -7.09
CA TRP A 121 -8.02 -2.78 -8.40
C TRP A 121 -8.24 -4.28 -8.42
N PHE A 122 -8.57 -4.87 -7.32
CA PHE A 122 -8.82 -6.29 -7.31
C PHE A 122 -10.28 -6.56 -7.79
N ASP A 123 -10.44 -7.72 -8.43
CA ASP A 123 -11.78 -8.26 -8.77
C ASP A 123 -11.61 -9.77 -8.88
N ASP A 124 -12.71 -10.48 -9.18
CA ASP A 124 -12.68 -11.92 -8.99
C ASP A 124 -11.84 -12.59 -10.10
N SER A 125 -11.47 -11.83 -11.10
CA SER A 125 -10.56 -12.35 -12.14
C SER A 125 -9.09 -12.03 -11.89
N THR A 126 -8.75 -11.40 -10.75
CA THR A 126 -7.40 -10.98 -10.50
C THR A 126 -6.50 -12.22 -10.32
N SER A 127 -5.31 -12.17 -10.92
CA SER A 127 -4.34 -13.27 -10.82
C SER A 127 -3.80 -13.52 -9.45
N ASP A 128 -3.38 -14.74 -9.20
CA ASP A 128 -2.76 -15.00 -7.89
C ASP A 128 -1.52 -14.12 -7.69
N THR A 129 -0.72 -13.94 -8.72
CA THR A 129 0.47 -13.15 -8.57
C THR A 129 0.15 -11.71 -8.22
N GLU A 130 -0.90 -11.19 -8.79
CA GLU A 130 -1.28 -9.80 -8.51
C GLU A 130 -1.82 -9.67 -7.11
N PHE A 131 -2.59 -10.66 -6.64
CA PHE A 131 -3.02 -10.61 -5.24
C PHE A 131 -1.80 -10.66 -4.33
N SER A 132 -0.91 -11.59 -4.60
CA SER A 132 0.26 -11.79 -3.77
C SER A 132 1.11 -10.51 -3.74
N ARG A 133 1.39 -9.98 -4.87
CA ARG A 133 2.18 -8.78 -4.92
C ARG A 133 1.59 -7.62 -4.13
N THR A 134 0.35 -7.34 -4.42
CA THR A 134 -0.24 -6.08 -3.90
C THR A 134 -0.67 -6.27 -2.39
N VAL A 135 -1.16 -7.48 -2.03
CA VAL A 135 -1.57 -7.69 -0.65
C VAL A 135 -0.32 -7.71 0.24
N ILE A 136 0.67 -8.53 -0.10
CA ILE A 136 1.86 -8.58 0.74
C ILE A 136 2.49 -7.20 0.82
N HIS A 137 2.57 -6.49 -0.28
CA HIS A 137 3.12 -5.14 -0.25
C HIS A 137 2.40 -4.16 0.73
N GLU A 138 1.10 -4.09 0.61
CA GLU A 138 0.37 -3.20 1.49
C GLU A 138 0.45 -3.60 2.90
N PHE A 139 0.44 -4.93 3.18
CA PHE A 139 0.67 -5.38 4.56
C PHE A 139 2.07 -5.13 5.08
N GLY A 140 3.04 -5.01 4.17
CA GLY A 140 4.39 -4.57 4.51
C GLY A 140 4.35 -3.17 5.05
N HIS A 141 3.68 -2.24 4.36
CA HIS A 141 3.49 -0.95 4.93
C HIS A 141 2.74 -1.05 6.22
N ALA A 142 1.72 -1.92 6.35
CA ALA A 142 0.96 -2.04 7.63
C ALA A 142 1.84 -2.46 8.85
N LEU A 143 2.96 -3.15 8.55
CA LEU A 143 3.98 -3.50 9.54
C LEU A 143 5.07 -2.49 9.77
N GLY A 144 5.08 -1.49 8.94
CA GLY A 144 5.95 -0.37 9.04
C GLY A 144 7.00 -0.20 7.99
N MET A 145 6.97 -1.01 6.97
CA MET A 145 7.96 -0.86 5.93
C MET A 145 7.65 0.26 4.97
N ILE A 146 8.69 0.94 4.50
CA ILE A 146 8.57 1.96 3.49
C ILE A 146 8.92 1.39 2.10
N HIS A 147 8.70 2.21 1.06
CA HIS A 147 9.13 1.83 -0.20
C HIS A 147 10.64 1.66 -0.38
N GLU A 148 11.00 0.65 -1.12
CA GLU A 148 12.36 0.56 -1.75
C GLU A 148 12.30 1.18 -3.12
N HIS A 149 13.13 2.16 -3.39
CA HIS A 149 13.12 2.84 -4.70
C HIS A 149 14.58 3.06 -5.09
N GLN A 150 14.98 2.41 -6.17
CA GLN A 150 16.31 2.55 -6.72
C GLN A 150 16.10 3.57 -7.80
N HIS A 151 16.61 4.77 -7.58
CA HIS A 151 16.45 5.84 -8.51
C HIS A 151 17.23 5.61 -9.83
N PRO A 152 16.54 5.68 -10.99
CA PRO A 152 17.35 5.36 -12.17
C PRO A 152 18.27 6.51 -12.55
N LEU A 153 19.36 6.17 -13.23
CA LEU A 153 20.37 7.13 -13.70
C LEU A 153 19.77 8.20 -14.64
N THR A 154 18.73 7.85 -15.37
CA THR A 154 18.09 8.73 -16.32
C THR A 154 17.20 9.76 -15.66
N ASN A 155 16.83 9.52 -14.41
CA ASN A 155 15.65 10.18 -13.85
C ASN A 155 14.38 9.64 -14.42
N ILE A 156 13.31 9.92 -13.70
CA ILE A 156 12.03 9.36 -14.07
C ILE A 156 11.28 10.26 -15.03
N PRO A 157 10.88 9.64 -16.17
CA PRO A 157 10.15 10.49 -17.09
C PRO A 157 8.66 10.70 -16.80
N TRP A 158 8.35 11.40 -15.75
CA TRP A 158 6.99 11.69 -15.39
C TRP A 158 6.27 12.52 -16.42
N ASP A 159 5.01 12.18 -16.62
CA ASP A 159 4.11 13.06 -17.38
C ASP A 159 3.48 13.91 -16.33
N LYS A 160 4.03 15.10 -16.11
CA LYS A 160 3.70 15.83 -14.87
C LYS A 160 2.20 16.21 -14.81
N ASN A 161 1.67 16.65 -15.93
CA ASN A 161 0.23 16.87 -16.11
C ASN A 161 -0.59 15.69 -15.59
N LYS A 162 -0.19 14.49 -15.99
CA LYS A 162 -0.95 13.34 -15.56
C LYS A 162 -0.77 13.07 -14.09
N VAL A 163 0.41 13.32 -13.60
CA VAL A 163 0.69 13.03 -12.21
C VAL A 163 -0.15 13.99 -11.38
N TYR A 164 -0.19 15.25 -11.81
CA TYR A 164 -0.96 16.21 -11.01
C TYR A 164 -2.42 15.81 -10.89
N ALA A 165 -2.96 15.33 -12.01
CA ALA A 165 -4.37 14.95 -12.13
C ALA A 165 -4.74 13.72 -11.27
N TYR A 166 -3.85 12.76 -11.28
CA TYR A 166 -4.04 11.53 -10.49
C TYR A 166 -4.06 11.72 -8.98
N TYR A 167 -3.12 12.52 -8.44
CA TYR A 167 -2.93 12.66 -6.99
C TYR A 167 -3.79 13.77 -6.37
N ALA A 168 -4.49 14.51 -7.25
CA ALA A 168 -5.38 15.59 -6.84
C ALA A 168 -6.61 15.13 -6.07
N GLY A 169 -7.05 13.90 -6.30
CA GLY A 169 -8.30 13.41 -5.71
C GLY A 169 -8.12 12.47 -4.51
N TYR A 170 -9.12 11.62 -4.30
CA TYR A 170 -9.23 10.81 -3.12
C TYR A 170 -8.08 9.78 -3.17
N PRO A 171 -7.39 9.49 -2.07
CA PRO A 171 -7.51 10.09 -0.71
C PRO A 171 -6.60 11.27 -0.40
N ASN A 172 -5.58 11.52 -1.23
CA ASN A 172 -4.58 12.53 -0.95
C ASN A 172 -5.10 13.97 -1.04
N TYR A 173 -5.88 14.29 -2.07
CA TYR A 173 -6.26 15.68 -2.33
C TYR A 173 -4.98 16.61 -2.38
N TRP A 174 -4.01 16.19 -3.19
CA TRP A 174 -2.72 16.85 -3.23
C TRP A 174 -2.74 17.89 -4.27
N SER A 175 -2.44 19.09 -3.82
CA SER A 175 -2.30 20.22 -4.75
C SER A 175 -1.03 20.01 -5.56
N MLY A 176 -0.82 20.85 -6.58
CA MLY A 176 0.45 20.76 -7.35
CB MLY A 176 0.45 21.75 -8.53
CG MLY A 176 1.86 22.01 -9.08
CD MLY A 176 1.96 23.22 -10.01
CE MLY A 176 3.25 23.20 -10.83
NZ MLY A 176 4.48 23.37 -10.01
CH1 MLY A 176 5.69 23.24 -10.85
CH2 MLY A 176 4.50 24.67 -9.26
C MLY A 176 1.70 20.84 -6.45
O MLY A 176 2.62 20.04 -6.63
N LYS A 177 1.75 21.77 -5.48
CA LYS A 177 2.87 21.92 -4.58
C LYS A 177 2.99 20.68 -3.69
N ASP A 178 1.85 20.11 -3.26
CA ASP A 178 1.84 18.84 -2.51
C ASP A 178 2.52 17.74 -3.34
N VAL A 179 2.17 17.60 -4.61
CA VAL A 179 2.78 16.60 -5.44
C VAL A 179 4.28 16.84 -5.63
N ASP A 180 4.67 18.10 -5.91
CA ASP A 180 6.09 18.37 -6.05
C ASP A 180 6.93 18.03 -4.80
N ASN A 181 6.41 18.34 -3.60
CA ASN A 181 7.10 18.04 -2.35
C ASN A 181 6.96 16.59 -1.97
N ASN A 182 5.75 16.01 -2.09
CA ASN A 182 5.52 14.68 -1.50
C ASN A 182 5.85 13.51 -2.44
N LEU A 183 5.82 13.77 -3.74
CA LEU A 183 6.04 12.74 -4.74
C LEU A 183 7.37 12.91 -5.50
N PHE A 184 7.48 13.98 -6.31
CA PHE A 184 8.67 14.17 -7.12
C PHE A 184 9.92 14.29 -6.25
N ALA A 185 9.84 15.04 -5.17
CA ALA A 185 10.99 15.25 -4.28
C ALA A 185 11.38 13.91 -3.67
N THR A 186 10.41 13.26 -3.01
CA THR A 186 10.66 11.96 -2.37
C THR A 186 11.30 10.92 -3.32
N TYR A 187 10.73 10.81 -4.52
CA TYR A 187 11.19 9.77 -5.49
C TYR A 187 12.19 10.32 -6.55
N SER A 188 12.94 11.35 -6.20
CA SER A 188 14.01 11.86 -7.08
C SER A 188 15.36 11.30 -6.65
N THR A 189 15.36 10.51 -5.59
CA THR A 189 16.58 9.90 -5.07
C THR A 189 16.22 8.53 -4.50
N THR A 190 17.23 7.68 -4.41
CA THR A 190 17.08 6.33 -3.89
C THR A 190 16.57 6.37 -2.45
N GLN A 191 15.65 5.46 -2.14
CA GLN A 191 15.00 5.33 -0.84
C GLN A 191 15.10 3.86 -0.43
N THR A 192 15.56 3.57 0.79
CA THR A 192 15.73 2.18 1.21
C THR A 192 15.75 2.04 2.70
N GLN A 193 15.35 0.86 3.16
CA GLN A 193 15.53 0.51 4.57
C GLN A 193 16.55 -0.60 4.76
N TYR A 194 17.21 -0.94 3.68
CA TYR A 194 18.17 -2.01 3.67
C TYR A 194 19.61 -1.52 3.48
N SER A 195 20.54 -2.34 3.96
CA SER A 195 21.94 -1.93 3.95
C SER A 195 22.35 -2.01 2.49
N ALA A 196 22.20 -3.21 1.93
CA ALA A 196 22.33 -3.43 0.51
C ALA A 196 20.96 -3.32 -0.13
N TYR A 197 20.91 -2.91 -1.40
CA TYR A 197 19.63 -2.87 -2.08
C TYR A 197 19.28 -4.25 -2.58
N ASP A 198 17.99 -4.46 -2.66
CA ASP A 198 17.41 -5.75 -2.87
C ASP A 198 16.44 -5.53 -3.98
N THR A 199 16.92 -5.83 -5.19
CA THR A 199 16.13 -5.68 -6.40
C THR A 199 14.85 -6.47 -6.32
N GLN A 200 14.81 -7.43 -5.42
CA GLN A 200 13.77 -8.39 -5.30
C GLN A 200 12.68 -8.06 -4.28
N SER A 201 12.88 -7.02 -3.50
CA SER A 201 12.00 -6.70 -2.40
C SER A 201 10.55 -6.52 -2.83
N ILE A 202 9.65 -7.07 -2.03
CA ILE A 202 8.25 -6.90 -2.30
C ILE A 202 7.88 -5.40 -2.12
N MET A 203 8.74 -4.67 -1.39
CA MET A 203 8.52 -3.25 -1.08
C MET A 203 8.93 -2.26 -2.18
N HIS A 204 9.44 -2.77 -3.29
CA HIS A 204 9.86 -1.87 -4.37
C HIS A 204 8.69 -1.07 -4.82
N TYR A 205 8.94 0.17 -5.18
CA TYR A 205 7.91 1.14 -5.61
C TYR A 205 7.69 1.04 -7.11
N SER A 206 6.49 0.67 -7.47
CA SER A 206 6.09 0.56 -8.85
C SER A 206 5.78 1.92 -9.46
N ILE A 207 6.30 2.17 -10.64
CA ILE A 207 6.04 3.38 -11.39
C ILE A 207 5.18 2.99 -12.58
N SER A 208 3.97 3.52 -12.60
CA SER A 208 2.99 3.07 -13.58
C SER A 208 3.22 3.81 -14.87
N SER A 209 3.07 3.12 -16.00
CA SER A 209 3.30 3.75 -17.31
C SER A 209 2.19 4.71 -17.64
N ALA A 210 1.11 4.62 -16.87
CA ALA A 210 0.02 5.58 -16.93
C ALA A 210 0.44 6.96 -16.45
N LEU A 211 1.59 7.07 -15.79
CA LEU A 211 2.04 8.35 -15.26
C LEU A 211 3.33 8.90 -15.85
N THR A 212 3.81 8.24 -16.86
CA THR A 212 5.05 8.61 -17.49
C THR A 212 4.82 8.84 -18.97
N THR A 213 5.85 9.29 -19.65
CA THR A 213 5.78 9.60 -21.05
C THR A 213 6.37 8.68 -22.04
N ASN A 214 7.35 7.91 -21.65
CA ASN A 214 7.99 7.05 -22.64
C ASN A 214 7.38 5.66 -22.83
N GLY A 215 6.45 5.35 -21.95
CA GLY A 215 5.95 4.03 -21.74
C GLY A 215 6.85 3.45 -20.58
N PHE A 216 7.71 4.29 -20.02
CA PHE A 216 8.58 3.90 -18.97
C PHE A 216 7.74 3.36 -17.84
N SER A 217 8.17 2.27 -17.24
CA SER A 217 7.49 1.70 -16.06
C SER A 217 8.53 1.02 -15.20
N VAL A 218 8.22 0.84 -13.92
CA VAL A 218 9.00 -0.05 -13.08
C VAL A 218 8.05 -0.89 -12.24
N GLY A 219 8.40 -2.14 -12.10
CA GLY A 219 7.62 -3.11 -11.39
C GLY A 219 8.22 -3.69 -10.14
N ASN A 220 7.32 -4.39 -9.49
CA ASN A 220 7.35 -5.02 -8.24
C ASN A 220 7.57 -6.50 -8.38
N ASN A 221 8.31 -7.04 -7.49
CA ASN A 221 8.48 -8.42 -7.37
C ASN A 221 7.13 -8.89 -6.73
N SER A 222 6.77 -10.16 -6.79
CA SER A 222 5.46 -10.59 -6.25
C SER A 222 5.40 -11.50 -5.04
N VAL A 223 6.56 -11.81 -4.51
CA VAL A 223 6.76 -12.68 -3.35
C VAL A 223 7.80 -12.06 -2.41
N LEU A 224 7.84 -12.51 -1.16
CA LEU A 224 8.80 -12.04 -0.18
C LEU A 224 10.24 -12.42 -0.65
N SER A 225 11.18 -11.47 -0.62
CA SER A 225 12.58 -11.79 -0.85
C SER A 225 13.23 -12.36 0.37
N ALA A 226 14.37 -13.00 0.13
CA ALA A 226 15.30 -13.31 1.20
C ALA A 226 15.54 -12.15 2.13
N THR A 227 15.78 -10.97 1.56
CA THR A 227 16.10 -9.84 2.42
C THR A 227 14.86 -9.38 3.18
N ASP A 228 13.72 -9.38 2.50
CA ASP A 228 12.41 -9.06 3.15
C ASP A 228 12.18 -9.94 4.39
N MLY A 229 12.44 -11.22 4.23
CA MLY A 229 12.22 -12.26 5.28
CB MLY A 229 12.42 -13.66 4.72
CG MLY A 229 11.38 -14.03 3.70
CD MLY A 229 11.98 -15.05 2.76
CE MLY A 229 10.90 -15.55 1.84
NZ MLY A 229 11.36 -16.63 0.93
CH1 MLY A 229 11.61 -17.90 1.66
CH2 MLY A 229 10.24 -16.83 0.02
C MLY A 229 13.15 -12.06 6.42
O MLY A 229 12.73 -12.06 7.55
N GLN A 230 14.42 -11.78 6.13
CA GLN A 230 15.38 -11.50 7.13
C GLN A 230 15.13 -10.20 7.85
N PHE A 231 14.77 -9.14 7.13
CA PHE A 231 14.58 -7.86 7.76
C PHE A 231 13.42 -7.89 8.72
N ILE A 232 12.32 -8.49 8.29
CA ILE A 232 11.09 -8.41 9.09
C ILE A 232 11.24 -9.30 10.37
N ALA A 233 12.05 -10.38 10.26
CA ALA A 233 12.31 -11.18 11.43
C ALA A 233 13.22 -10.45 12.42
N THR A 234 14.00 -9.52 11.93
CA THR A 234 14.80 -8.69 12.80
C THR A 234 13.98 -7.65 13.45
N VAL A 235 13.01 -7.07 12.73
CA VAL A 235 12.14 -6.14 13.38
C VAL A 235 11.22 -6.78 14.42
N TYR A 236 10.71 -7.95 14.08
CA TYR A 236 9.75 -8.67 14.90
C TYR A 236 10.26 -10.08 15.18
N PRO A 237 11.31 -10.17 16.04
CA PRO A 237 11.94 -11.47 16.35
C PRO A 237 11.13 -12.33 17.36
N ARG A 238 11.33 -13.64 17.31
CA ARG A 238 10.75 -14.55 18.32
C ARG A 238 11.71 -14.76 19.51
ZN ZN B . 3.63 0.91 -1.44
#